data_7RWG
#
_entry.id   7RWG
#
_cell.length_a   67.990
_cell.length_b   93.720
_cell.length_c   116.190
_cell.angle_alpha   90.000
_cell.angle_beta   90.000
_cell.angle_gamma   90.000
#
_symmetry.space_group_name_H-M   'I 2 2 2'
#
loop_
_entity.id
_entity.type
_entity.pdbx_description
1 polymer 'S-adenosylmethionine synthase isoform type-2'
2 non-polymer S-ADENOSYLMETHIONINE
3 non-polymer 'CHLORIDE ION'
4 non-polymer 1,2-ETHANEDIOL
5 non-polymer (8R)-8-(4-chlorophenyl)-6-(2-methyl-2H-indazol-5-yl)-2-[(2,2,2-trifluoroethyl)amino]-5,8-dihydropyrido[4,3-d]pyrimidin-7(6H)-one
6 non-polymer GLYCEROL
7 water water
#
_entity_poly.entity_id   1
_entity_poly.type   'polypeptide(L)'
_entity_poly.pdbx_seq_one_letter_code
;SMNGQLNGFHEAFIEEGTFLFTSESVGEGHPDKICDQISDAVLDAHLQQDPDAKVACETVAKTGMILLAGEITSRAAVDY
QKVVREAVKHIGYDDSSKGFDYKTCNVLVALEQQSPDIAQGVHLDRNEEDIGAGDQGLMFGYATDETEECMPLTIVLAHK
LNAKLAELRRNGTLPWLRPDSKTQVTVQYMQDRGAVLPIRVHTIVISVQHDEEVCLDEMRDALKEKVIKAVVPAKYLDED
TIYHLQPSGRFVIGGPQGDAGLTGRKIIVDTYGGWGAHGGGAFSGKDYTKVDRSAAYAARWVAKSLVKGGLCRRVLVQVS
YAIGVSHPLSISIFHYGTSQKSERELLEIVKKNFDLRPGVIVRDLDLKKPIYQRTAAYGHFGRDSFPWEVPKKLKY
;
_entity_poly.pdbx_strand_id   A
#
# COMPACT_ATOMS: atom_id res chain seq x y z
N PHE A 13 -21.19 5.78 23.42
CA PHE A 13 -20.48 6.49 24.48
C PHE A 13 -18.98 6.28 24.33
N ILE A 14 -18.20 7.36 24.40
CA ILE A 14 -16.75 7.31 24.29
C ILE A 14 -16.15 7.71 25.64
N GLU A 15 -15.64 6.72 26.36
CA GLU A 15 -14.99 6.99 27.63
C GLU A 15 -13.78 7.90 27.43
N GLU A 16 -13.56 8.79 28.40
CA GLU A 16 -12.35 9.61 28.42
C GLU A 16 -11.14 8.71 28.32
N GLY A 17 -10.16 9.12 27.54
CA GLY A 17 -9.01 8.30 27.33
C GLY A 17 -9.16 7.28 26.23
N THR A 18 -10.32 7.20 25.60
CA THR A 18 -10.52 6.36 24.44
C THR A 18 -10.96 7.23 23.26
N PHE A 19 -10.78 6.70 22.06
CA PHE A 19 -11.10 7.47 20.87
C PHE A 19 -11.33 6.53 19.71
N LEU A 20 -11.96 7.07 18.67
CA LEU A 20 -12.22 6.34 17.44
C LEU A 20 -11.19 6.71 16.38
N PHE A 21 -10.89 5.76 15.51
CA PHE A 21 -10.09 6.04 14.34
C PHE A 21 -10.59 5.16 13.21
N THR A 22 -10.57 5.70 11.99
CA THR A 22 -11.06 4.98 10.82
C THR A 22 -10.00 4.86 9.76
N SER A 23 -9.95 3.70 9.11
CA SER A 23 -9.16 3.50 7.91
C SER A 23 -9.97 2.75 6.88
N GLU A 24 -9.55 2.82 5.62
CA GLU A 24 -10.19 2.06 4.55
C GLU A 24 -9.16 1.25 3.77
N SER A 25 -9.67 0.32 2.98
CA SER A 25 -8.87 -0.40 2.01
C SER A 25 -9.74 -0.68 0.79
N VAL A 26 -9.10 -1.12 -0.28
CA VAL A 26 -9.82 -1.46 -1.51
C VAL A 26 -9.30 -2.78 -2.06
N GLY A 27 -10.12 -3.39 -2.89
CA GLY A 27 -9.76 -4.67 -3.47
C GLY A 27 -8.87 -4.56 -4.69
N GLU A 28 -8.47 -5.74 -5.17
CA GLU A 28 -7.56 -5.84 -6.29
C GLU A 28 -8.17 -5.28 -7.57
N GLY A 29 -9.50 -5.34 -7.70
CA GLY A 29 -10.19 -4.82 -8.86
C GLY A 29 -10.73 -3.42 -8.71
N HIS A 30 -10.46 -2.76 -7.59
CA HIS A 30 -10.76 -1.34 -7.50
C HIS A 30 -9.96 -0.64 -8.59
N PRO A 31 -10.55 0.29 -9.33
CA PRO A 31 -9.85 0.79 -10.53
C PRO A 31 -8.53 1.48 -10.24
N ASP A 32 -8.42 2.22 -9.13
CA ASP A 32 -7.14 2.82 -8.79
C ASP A 32 -6.11 1.74 -8.49
N LYS A 33 -6.53 0.70 -7.75
CA LYS A 33 -5.63 -0.39 -7.44
C LYS A 33 -5.25 -1.20 -8.69
N ILE A 34 -6.16 -1.34 -9.67
CA ILE A 34 -5.79 -1.96 -10.92
C ILE A 34 -4.58 -1.23 -11.49
N CYS A 35 -4.65 0.10 -11.49
CA CYS A 35 -3.59 0.91 -12.05
C CYS A 35 -2.28 0.74 -11.28
N ASP A 36 -2.34 0.72 -9.95
CA ASP A 36 -1.12 0.49 -9.18
C ASP A 36 -0.51 -0.87 -9.55
N GLN A 37 -1.33 -1.91 -9.63
CA GLN A 37 -0.83 -3.24 -9.95
C GLN A 37 -0.24 -3.31 -11.34
N ILE A 38 -0.87 -2.66 -12.32
CA ILE A 38 -0.33 -2.65 -13.68
C ILE A 38 0.98 -1.89 -13.71
N SER A 39 1.02 -0.74 -13.07
CA SER A 39 2.26 0.03 -13.02
C SER A 39 3.40 -0.80 -12.45
N ASP A 40 3.11 -1.56 -11.40
CA ASP A 40 4.16 -2.39 -10.80
C ASP A 40 4.43 -3.67 -11.58
N ALA A 41 3.44 -4.19 -12.33
CA ALA A 41 3.74 -5.28 -13.25
C ALA A 41 4.69 -4.83 -14.33
N VAL A 42 4.52 -3.61 -14.82
CA VAL A 42 5.41 -3.04 -15.81
C VAL A 42 6.81 -2.87 -15.23
N LEU A 43 6.90 -2.28 -14.03
CA LEU A 43 8.16 -2.16 -13.35
C LEU A 43 8.86 -3.50 -13.21
N ASP A 44 8.14 -4.51 -12.72
CA ASP A 44 8.74 -5.83 -12.53
C ASP A 44 9.20 -6.40 -13.86
N ALA A 45 8.42 -6.22 -14.93
CA ALA A 45 8.82 -6.76 -16.23
C ALA A 45 10.13 -6.15 -16.69
N HIS A 46 10.30 -4.84 -16.47
CA HIS A 46 11.56 -4.20 -16.80
C HIS A 46 12.68 -4.74 -15.94
N LEU A 47 12.48 -4.81 -14.62
CA LEU A 47 13.53 -5.21 -13.70
C LEU A 47 13.97 -6.64 -13.94
N GLN A 48 13.07 -7.50 -14.41
N GLN A 48 13.07 -7.50 -14.42
CA GLN A 48 13.45 -8.87 -14.71
CA GLN A 48 13.45 -8.88 -14.72
C GLN A 48 14.59 -8.91 -15.72
C GLN A 48 14.54 -8.95 -15.77
N GLN A 49 14.59 -7.97 -16.68
CA GLN A 49 15.60 -7.94 -17.71
C GLN A 49 16.69 -6.93 -17.48
N ASP A 50 16.39 -5.83 -16.81
CA ASP A 50 17.35 -4.74 -16.58
C ASP A 50 17.16 -4.29 -15.14
N PRO A 51 17.98 -4.79 -14.22
CA PRO A 51 17.83 -4.40 -12.81
C PRO A 51 17.97 -2.92 -12.58
N ASP A 52 18.59 -2.19 -13.49
CA ASP A 52 18.82 -0.76 -13.37
C ASP A 52 17.84 0.05 -14.19
N ALA A 53 16.75 -0.55 -14.63
CA ALA A 53 15.76 0.20 -15.38
C ALA A 53 15.30 1.42 -14.58
N LYS A 54 15.13 2.54 -15.29
CA LYS A 54 14.57 3.76 -14.73
C LYS A 54 13.10 3.79 -15.18
N VAL A 55 12.20 3.68 -14.23
CA VAL A 55 10.79 3.45 -14.52
C VAL A 55 9.97 4.45 -13.74
N ALA A 56 9.04 5.08 -14.44
CA ALA A 56 8.09 6.03 -13.89
C ALA A 56 6.81 5.83 -14.69
N CYS A 57 6.12 4.73 -14.44
CA CYS A 57 5.00 4.29 -15.26
C CYS A 57 3.68 4.55 -14.55
N GLU A 58 2.94 5.53 -15.06
CA GLU A 58 1.58 5.75 -14.60
C GLU A 58 0.63 4.91 -15.44
N THR A 59 -0.45 4.49 -14.81
CA THR A 59 -1.51 3.76 -15.48
C THR A 59 -2.81 4.50 -15.24
N VAL A 60 -3.65 4.56 -16.27
CA VAL A 60 -4.96 5.16 -16.25
C VAL A 60 -5.95 4.14 -16.76
N ALA A 61 -7.07 3.99 -16.07
CA ALA A 61 -8.06 3.01 -16.46
C ALA A 61 -9.43 3.65 -16.56
N LYS A 62 -10.13 3.41 -17.66
CA LYS A 62 -11.55 3.78 -17.78
C LYS A 62 -12.16 2.66 -18.61
N THR A 63 -13.46 2.73 -18.87
CA THR A 63 -14.14 1.67 -19.61
C THR A 63 -13.32 1.26 -20.82
N GLY A 64 -12.99 -0.02 -20.90
CA GLY A 64 -12.30 -0.56 -22.05
C GLY A 64 -10.88 -0.14 -22.26
N MET A 65 -10.27 0.63 -21.35
CA MET A 65 -8.99 1.24 -21.63
C MET A 65 -8.03 1.10 -20.46
N ILE A 66 -6.82 0.62 -20.76
CA ILE A 66 -5.65 0.84 -19.94
C ILE A 66 -4.69 1.69 -20.74
N LEU A 67 -4.31 2.85 -20.21
CA LEU A 67 -3.30 3.69 -20.80
C LEU A 67 -2.09 3.70 -19.88
N LEU A 68 -0.91 3.49 -20.45
CA LEU A 68 0.35 3.67 -19.75
C LEU A 68 0.94 5.01 -20.18
N ALA A 69 1.34 5.82 -19.23
CA ALA A 69 1.91 7.12 -19.52
C ALA A 69 3.07 7.37 -18.58
N GLY A 70 4.16 7.94 -19.08
CA GLY A 70 5.30 8.17 -18.23
C GLY A 70 6.60 7.95 -18.93
N GLU A 71 7.61 7.60 -18.15
CA GLU A 71 9.00 7.66 -18.60
C GLU A 71 9.72 6.40 -18.18
N ILE A 72 10.29 5.70 -19.14
CA ILE A 72 11.05 4.49 -18.88
C ILE A 72 12.29 4.53 -19.76
N THR A 73 13.45 4.38 -19.13
CA THR A 73 14.70 4.13 -19.84
C THR A 73 15.24 2.80 -19.33
N SER A 74 15.36 1.85 -20.24
CA SER A 74 15.59 0.47 -19.84
C SER A 74 16.15 -0.29 -21.04
N ARG A 75 17.00 -1.26 -20.75
CA ARG A 75 17.48 -2.18 -21.75
C ARG A 75 16.53 -3.32 -22.01
N ALA A 76 15.48 -3.44 -21.22
CA ALA A 76 14.53 -4.53 -21.40
C ALA A 76 13.73 -4.35 -22.67
N ALA A 77 13.24 -5.47 -23.21
CA ALA A 77 12.25 -5.46 -24.29
C ALA A 77 10.98 -6.01 -23.67
N VAL A 78 10.02 -5.14 -23.42
CA VAL A 78 8.82 -5.49 -22.68
C VAL A 78 7.63 -5.45 -23.61
N ASP A 79 6.83 -6.50 -23.56
CA ASP A 79 5.58 -6.58 -24.31
C ASP A 79 4.48 -6.01 -23.43
N TYR A 80 4.20 -4.72 -23.60
CA TYR A 80 3.24 -4.05 -22.74
C TYR A 80 1.85 -4.65 -22.88
N GLN A 81 1.46 -5.05 -24.09
CA GLN A 81 0.15 -5.68 -24.25
C GLN A 81 0.04 -6.89 -23.34
N LYS A 82 1.04 -7.76 -23.37
CA LYS A 82 1.00 -8.97 -22.56
C LYS A 82 1.04 -8.64 -21.08
N VAL A 83 1.93 -7.74 -20.66
CA VAL A 83 2.07 -7.46 -19.24
C VAL A 83 0.78 -6.89 -18.69
N VAL A 84 0.22 -5.92 -19.39
CA VAL A 84 -1.02 -5.31 -18.93
C VAL A 84 -2.13 -6.34 -18.86
N ARG A 85 -2.30 -7.11 -19.93
CA ARG A 85 -3.45 -8.01 -20.00
C ARG A 85 -3.31 -9.12 -18.99
N GLU A 86 -2.09 -9.61 -18.75
N GLU A 86 -2.09 -9.61 -18.76
CA GLU A 86 -1.94 -10.65 -17.73
CA GLU A 86 -1.91 -10.65 -17.74
C GLU A 86 -2.22 -10.12 -16.33
C GLU A 86 -2.25 -10.11 -16.34
N ALA A 87 -1.92 -8.85 -16.07
CA ALA A 87 -2.22 -8.30 -14.75
C ALA A 87 -3.73 -8.19 -14.56
N VAL A 88 -4.45 -7.76 -15.60
CA VAL A 88 -5.90 -7.65 -15.53
C VAL A 88 -6.54 -9.03 -15.39
N LYS A 89 -6.01 -10.01 -16.11
CA LYS A 89 -6.48 -11.38 -15.98
C LYS A 89 -6.33 -11.86 -14.53
N HIS A 90 -5.18 -11.62 -13.93
CA HIS A 90 -4.92 -12.05 -12.56
C HIS A 90 -5.96 -11.47 -11.61
N ILE A 91 -6.29 -10.20 -11.79
CA ILE A 91 -7.27 -9.51 -10.95
C ILE A 91 -8.65 -10.12 -11.09
N GLY A 92 -9.00 -10.60 -12.28
CA GLY A 92 -10.24 -11.31 -12.48
C GLY A 92 -11.16 -10.69 -13.49
N TYR A 93 -10.74 -9.65 -14.19
CA TYR A 93 -11.60 -9.01 -15.20
C TYR A 93 -11.41 -9.70 -16.53
N ASP A 94 -12.27 -10.68 -16.79
CA ASP A 94 -12.09 -11.61 -17.91
C ASP A 94 -13.36 -11.76 -18.74
N ASP A 95 -14.29 -10.81 -18.68
CA ASP A 95 -15.48 -10.96 -19.48
C ASP A 95 -16.25 -9.67 -19.51
N SER A 96 -16.87 -9.41 -20.64
CA SER A 96 -17.64 -8.17 -20.78
C SER A 96 -18.76 -8.13 -19.75
N SER A 97 -19.25 -9.28 -19.30
CA SER A 97 -20.30 -9.29 -18.29
C SER A 97 -19.85 -8.67 -16.97
N LYS A 98 -18.56 -8.66 -16.67
CA LYS A 98 -18.00 -8.12 -15.44
C LYS A 98 -17.61 -6.65 -15.60
N GLY A 99 -17.74 -6.12 -16.80
CA GLY A 99 -17.46 -4.72 -17.05
C GLY A 99 -16.10 -4.45 -17.65
N PHE A 100 -15.24 -5.46 -17.74
CA PHE A 100 -13.87 -5.28 -18.20
C PHE A 100 -13.31 -6.64 -18.52
N ASP A 101 -12.54 -6.72 -19.60
CA ASP A 101 -12.02 -7.98 -20.06
C ASP A 101 -10.60 -7.79 -20.58
N TYR A 102 -9.64 -8.44 -19.93
CA TYR A 102 -8.25 -8.38 -20.37
C TYR A 102 -8.09 -8.81 -21.83
N LYS A 103 -8.95 -9.69 -22.33
CA LYS A 103 -8.73 -10.21 -23.67
C LYS A 103 -9.03 -9.17 -24.72
N THR A 104 -9.94 -8.23 -24.42
CA THR A 104 -10.55 -7.41 -25.45
C THR A 104 -10.47 -5.92 -25.15
N CYS A 105 -9.90 -5.51 -24.04
CA CYS A 105 -9.75 -4.09 -23.77
C CYS A 105 -8.68 -3.48 -24.69
N ASN A 106 -8.69 -2.16 -24.73
CA ASN A 106 -7.67 -1.35 -25.39
C ASN A 106 -6.51 -1.14 -24.45
N VAL A 107 -5.30 -1.38 -24.92
CA VAL A 107 -4.08 -1.02 -24.19
C VAL A 107 -3.35 0.00 -25.06
N LEU A 108 -3.29 1.26 -24.58
N LEU A 108 -3.17 1.19 -24.51
CA LEU A 108 -2.60 2.38 -25.22
CA LEU A 108 -2.61 2.36 -25.18
C LEU A 108 -1.33 2.69 -24.45
C LEU A 108 -1.35 2.76 -24.43
N VAL A 109 -0.29 3.13 -25.15
CA VAL A 109 1.00 3.39 -24.52
C VAL A 109 1.52 4.76 -24.95
N ALA A 110 1.82 5.62 -23.96
CA ALA A 110 2.39 6.95 -24.16
C ALA A 110 3.61 7.04 -23.24
N LEU A 111 4.62 6.25 -23.59
CA LEU A 111 5.82 6.12 -22.79
C LEU A 111 7.00 6.66 -23.57
N GLU A 112 7.78 7.48 -22.90
N GLU A 112 7.80 7.48 -22.91
CA GLU A 112 8.98 8.07 -23.45
CA GLU A 112 9.00 8.03 -23.49
C GLU A 112 10.17 7.68 -22.59
C GLU A 112 10.16 7.74 -22.57
N GLN A 113 11.36 8.02 -23.04
CA GLN A 113 12.54 7.89 -22.21
C GLN A 113 12.44 8.84 -21.00
N GLN A 114 13.17 8.49 -19.94
CA GLN A 114 13.38 9.43 -18.86
C GLN A 114 14.00 10.72 -19.41
N SER A 115 13.55 11.84 -18.88
CA SER A 115 14.14 13.12 -19.24
C SER A 115 15.65 13.06 -19.08
N PRO A 116 16.40 13.44 -20.10
CA PRO A 116 17.86 13.47 -19.94
C PRO A 116 18.30 14.46 -18.89
N ASP A 117 17.52 15.51 -18.64
CA ASP A 117 17.88 16.47 -17.62
C ASP A 117 17.76 15.85 -16.22
N ILE A 118 16.72 15.05 -15.99
CA ILE A 118 16.65 14.31 -14.75
C ILE A 118 17.80 13.32 -14.66
N ALA A 119 18.01 12.55 -15.72
CA ALA A 119 19.03 11.51 -15.67
C ALA A 119 20.38 12.12 -15.31
N GLN A 120 20.75 13.23 -15.95
CA GLN A 120 22.06 13.81 -15.70
C GLN A 120 22.17 14.32 -14.27
N GLY A 121 21.07 14.77 -13.69
CA GLY A 121 21.11 15.33 -12.36
C GLY A 121 20.99 14.33 -11.26
N VAL A 122 20.57 13.12 -11.57
CA VAL A 122 20.27 12.09 -10.57
C VAL A 122 21.31 10.98 -10.58
N HIS A 123 21.56 10.37 -11.72
CA HIS A 123 22.31 9.12 -11.73
C HIS A 123 23.39 9.00 -12.78
N LEU A 124 23.41 9.84 -13.82
N LEU A 124 23.40 9.79 -13.84
CA LEU A 124 24.43 9.73 -14.85
CA LEU A 124 24.41 9.55 -14.88
C LEU A 124 25.82 9.92 -14.24
C LEU A 124 25.79 9.90 -14.34
N ASP A 125 26.72 8.99 -14.54
CA ASP A 125 28.10 9.13 -14.11
C ASP A 125 28.22 9.28 -12.61
N ARG A 126 27.33 8.66 -11.87
CA ARG A 126 27.43 8.66 -10.42
C ARG A 126 27.64 7.24 -9.89
N ASN A 127 28.48 7.14 -8.88
CA ASN A 127 28.65 5.89 -8.16
C ASN A 127 27.30 5.49 -7.58
N GLU A 128 26.93 4.20 -7.63
CA GLU A 128 25.58 3.82 -7.25
C GLU A 128 25.24 4.31 -5.85
N GLU A 129 26.13 4.10 -4.87
CA GLU A 129 25.83 4.52 -3.51
C GLU A 129 25.59 6.00 -3.40
N ASP A 130 26.11 6.77 -4.35
CA ASP A 130 26.06 8.22 -4.34
C ASP A 130 25.10 8.79 -5.36
N ILE A 131 24.21 7.97 -5.91
CA ILE A 131 23.15 8.47 -6.77
C ILE A 131 22.33 9.48 -5.99
N GLY A 132 21.88 10.52 -6.67
CA GLY A 132 21.03 11.47 -6.02
C GLY A 132 19.61 10.96 -5.88
N ALA A 133 18.88 11.53 -4.94
CA ALA A 133 17.45 11.27 -4.91
C ALA A 133 16.86 11.61 -6.27
N GLY A 134 15.90 10.78 -6.71
CA GLY A 134 15.28 10.99 -8.00
C GLY A 134 14.31 12.15 -8.07
N ASP A 135 14.00 12.73 -6.92
CA ASP A 135 13.12 13.88 -6.80
C ASP A 135 13.38 14.47 -5.42
N GLN A 136 12.89 15.70 -5.20
CA GLN A 136 12.70 16.14 -3.84
C GLN A 136 11.50 15.40 -3.25
N GLY A 137 11.30 15.58 -1.96
CA GLY A 137 10.06 15.15 -1.33
C GLY A 137 10.28 14.81 0.11
N LEU A 138 9.17 14.53 0.77
CA LEU A 138 9.15 14.14 2.18
C LEU A 138 8.43 12.82 2.29
N MET A 139 8.86 12.01 3.26
CA MET A 139 8.34 10.67 3.44
C MET A 139 8.30 10.37 4.92
N PHE A 140 7.33 9.56 5.32
CA PHE A 140 7.24 9.15 6.71
C PHE A 140 7.19 7.64 6.82
N GLY A 141 7.76 7.16 7.92
CA GLY A 141 7.60 5.78 8.34
C GLY A 141 6.89 5.75 9.68
N TYR A 142 6.11 4.71 9.89
CA TYR A 142 5.33 4.59 11.11
C TYR A 142 5.28 3.13 11.52
N ALA A 143 5.24 2.90 12.84
CA ALA A 143 5.02 1.58 13.36
C ALA A 143 4.31 1.71 14.68
N THR A 144 3.50 0.70 14.98
CA THR A 144 2.70 0.67 16.20
C THR A 144 2.67 -0.76 16.71
N ASP A 145 2.92 -0.95 17.99
CA ASP A 145 2.93 -2.29 18.56
C ASP A 145 1.54 -2.86 18.81
N GLU A 146 0.48 -2.23 18.32
CA GLU A 146 -0.86 -2.71 18.61
C GLU A 146 -1.19 -4.01 17.89
N THR A 147 -0.45 -4.37 16.85
CA THR A 147 -0.54 -5.65 16.19
C THR A 147 0.87 -6.21 16.05
N GLU A 148 0.97 -7.53 15.90
N GLU A 148 0.96 -7.52 15.89
CA GLU A 148 2.29 -8.15 15.78
CA GLU A 148 2.27 -8.15 15.78
C GLU A 148 3.07 -7.58 14.61
C GLU A 148 3.06 -7.60 14.61
N GLU A 149 2.39 -7.35 13.50
CA GLU A 149 3.02 -6.82 12.30
C GLU A 149 3.25 -5.33 12.36
N CYS A 150 2.95 -4.72 13.51
N CYS A 150 2.95 -4.71 13.49
CA CYS A 150 3.30 -3.35 13.80
CA CYS A 150 3.34 -3.33 13.75
C CYS A 150 2.56 -2.36 12.90
C CYS A 150 2.55 -2.34 12.90
N MET A 151 1.30 -2.67 12.62
CA MET A 151 0.41 -1.87 11.81
C MET A 151 -0.85 -1.51 12.57
N PRO A 152 -1.52 -0.43 12.18
CA PRO A 152 -2.81 -0.11 12.80
C PRO A 152 -3.84 -1.18 12.51
N LEU A 153 -4.60 -1.56 13.55
CA LEU A 153 -5.61 -2.58 13.37
C LEU A 153 -6.68 -2.15 12.37
N THR A 154 -7.01 -0.85 12.36
CA THR A 154 -8.04 -0.37 11.44
C THR A 154 -7.72 -0.77 10.01
N ILE A 155 -6.48 -0.52 9.58
N ILE A 155 -6.50 -0.53 9.56
CA ILE A 155 -6.08 -0.77 8.19
CA ILE A 155 -6.20 -0.82 8.16
C ILE A 155 -5.89 -2.26 7.95
C ILE A 155 -5.94 -2.30 7.95
N VAL A 156 -5.34 -2.99 8.92
CA VAL A 156 -5.17 -4.42 8.77
C VAL A 156 -6.52 -5.08 8.54
N LEU A 157 -7.50 -4.76 9.37
CA LEU A 157 -8.82 -5.36 9.20
C LEU A 157 -9.43 -4.97 7.86
N ALA A 158 -9.28 -3.70 7.47
CA ALA A 158 -9.86 -3.27 6.20
C ALA A 158 -9.24 -4.05 5.05
N HIS A 159 -7.91 -4.22 5.05
CA HIS A 159 -7.29 -5.00 4.01
C HIS A 159 -7.80 -6.43 4.01
N LYS A 160 -7.86 -7.05 5.18
CA LYS A 160 -8.24 -8.44 5.27
C LYS A 160 -9.66 -8.65 4.79
N LEU A 161 -10.55 -7.67 5.01
CA LEU A 161 -11.90 -7.81 4.47
C LEU A 161 -11.90 -7.87 2.95
N ASN A 162 -11.09 -7.03 2.30
CA ASN A 162 -10.99 -7.10 0.85
C ASN A 162 -10.37 -8.42 0.40
N ALA A 163 -9.36 -8.90 1.10
CA ALA A 163 -8.72 -10.15 0.72
C ALA A 163 -9.72 -11.29 0.85
N LYS A 164 -10.56 -11.25 1.88
CA LYS A 164 -11.56 -12.29 2.07
C LYS A 164 -12.54 -12.30 0.91
N LEU A 165 -12.98 -11.12 0.48
CA LEU A 165 -13.87 -11.06 -0.68
C LEU A 165 -13.21 -11.71 -1.89
N ALA A 166 -11.94 -11.37 -2.16
CA ALA A 166 -11.27 -11.96 -3.31
C ALA A 166 -11.17 -13.47 -3.17
N GLU A 167 -10.91 -13.95 -1.95
CA GLU A 167 -10.79 -15.38 -1.69
C GLU A 167 -12.10 -16.09 -2.02
N LEU A 168 -13.22 -15.53 -1.56
CA LEU A 168 -14.51 -16.18 -1.75
C LEU A 168 -15.02 -16.03 -3.18
N ARG A 169 -14.58 -15.00 -3.88
CA ARG A 169 -14.82 -14.90 -5.31
C ARG A 169 -14.06 -15.99 -6.04
N ARG A 170 -12.78 -16.11 -5.74
CA ARG A 170 -11.92 -17.04 -6.48
C ARG A 170 -12.23 -18.49 -6.15
N ASN A 171 -12.68 -18.81 -4.93
CA ASN A 171 -12.98 -20.19 -4.61
C ASN A 171 -14.40 -20.58 -5.00
N GLY A 172 -15.17 -19.65 -5.57
CA GLY A 172 -16.46 -19.94 -6.13
C GLY A 172 -17.57 -20.06 -5.11
N THR A 173 -17.30 -19.81 -3.84
CA THR A 173 -18.38 -19.95 -2.89
C THR A 173 -19.34 -18.77 -2.91
N LEU A 174 -18.87 -17.58 -3.30
CA LEU A 174 -19.74 -16.42 -3.54
C LEU A 174 -19.53 -15.99 -4.99
N PRO A 175 -20.07 -16.75 -5.94
CA PRO A 175 -19.72 -16.52 -7.35
C PRO A 175 -20.31 -15.26 -7.93
N TRP A 176 -21.22 -14.60 -7.21
CA TRP A 176 -21.75 -13.33 -7.63
C TRP A 176 -20.81 -12.18 -7.37
N LEU A 177 -19.71 -12.41 -6.65
CA LEU A 177 -18.77 -11.34 -6.39
C LEU A 177 -17.99 -10.98 -7.64
N ARG A 178 -17.65 -9.69 -7.75
N ARG A 178 -17.65 -9.70 -7.76
N ARG A 178 -17.58 -9.73 -7.72
CA ARG A 178 -16.75 -9.20 -8.79
CA ARG A 178 -16.75 -9.22 -8.80
CA ARG A 178 -16.72 -9.25 -8.79
C ARG A 178 -15.49 -8.64 -8.12
C ARG A 178 -15.51 -8.63 -8.13
C ARG A 178 -15.54 -8.53 -8.13
N PRO A 179 -14.50 -8.20 -8.91
CA PRO A 179 -13.21 -7.84 -8.31
C PRO A 179 -13.15 -6.50 -7.59
N ASP A 180 -14.03 -5.55 -7.90
CA ASP A 180 -13.96 -4.20 -7.36
C ASP A 180 -14.63 -4.18 -5.99
N SER A 181 -13.91 -3.75 -4.96
CA SER A 181 -14.47 -3.67 -3.61
C SER A 181 -13.79 -2.57 -2.83
N LYS A 182 -14.49 -2.11 -1.79
CA LYS A 182 -13.97 -1.18 -0.82
C LYS A 182 -14.47 -1.58 0.56
N THR A 183 -13.64 -1.33 1.58
CA THR A 183 -14.02 -1.61 2.95
C THR A 183 -13.54 -0.47 3.82
N GLN A 184 -14.13 -0.35 5.01
CA GLN A 184 -13.76 0.74 5.90
C GLN A 184 -14.06 0.28 7.32
N VAL A 185 -13.12 0.51 8.23
CA VAL A 185 -13.25 0.01 9.59
C VAL A 185 -12.92 1.13 10.56
N THR A 186 -13.83 1.34 11.51
CA THR A 186 -13.64 2.28 12.62
C THR A 186 -13.46 1.46 13.87
N VAL A 187 -12.35 1.70 14.59
CA VAL A 187 -12.04 1.02 15.84
C VAL A 187 -11.98 2.04 16.96
N GLN A 188 -12.49 1.67 18.12
CA GLN A 188 -12.30 2.42 19.34
C GLN A 188 -11.05 1.91 20.03
N TYR A 189 -10.19 2.83 20.43
CA TYR A 189 -8.92 2.54 21.06
C TYR A 189 -8.85 3.13 22.46
N MET A 190 -8.13 2.44 23.33
N MET A 190 -8.10 2.45 23.31
CA MET A 190 -7.73 3.00 24.61
CA MET A 190 -7.70 2.95 24.62
C MET A 190 -6.32 3.55 24.51
C MET A 190 -6.31 3.54 24.51
N GLN A 191 -6.13 4.76 25.02
CA GLN A 191 -4.80 5.33 25.16
C GLN A 191 -4.01 4.57 26.20
N ASP A 192 -2.72 4.33 25.91
CA ASP A 192 -1.89 3.58 26.84
C ASP A 192 -0.47 4.16 26.78
N ARG A 193 -0.25 5.26 27.48
N ARG A 193 -0.25 5.25 27.47
CA ARG A 193 1.08 5.84 27.63
CA ARG A 193 1.08 5.85 27.63
C ARG A 193 1.71 6.11 26.26
C ARG A 193 1.72 6.14 26.27
N GLY A 194 0.92 6.67 25.35
CA GLY A 194 1.35 7.03 24.03
C GLY A 194 1.04 5.96 22.99
N ALA A 195 1.00 4.72 23.40
CA ALA A 195 0.59 3.61 22.57
C ALA A 195 -0.92 3.54 22.55
N VAL A 196 -1.45 2.65 21.73
CA VAL A 196 -2.90 2.47 21.62
C VAL A 196 -3.26 1.01 21.71
N LEU A 197 -4.43 0.74 22.29
CA LEU A 197 -4.93 -0.61 22.49
C LEU A 197 -6.32 -0.71 21.87
N PRO A 198 -6.54 -1.57 20.90
CA PRO A 198 -7.89 -1.67 20.32
C PRO A 198 -8.88 -2.24 21.35
N ILE A 199 -10.07 -1.65 21.39
CA ILE A 199 -11.15 -2.06 22.28
C ILE A 199 -12.24 -2.80 21.50
N ARG A 200 -12.74 -2.17 20.45
CA ARG A 200 -13.93 -2.66 19.77
C ARG A 200 -13.99 -2.08 18.38
N VAL A 201 -14.69 -2.78 17.50
CA VAL A 201 -15.01 -2.28 16.18
C VAL A 201 -16.36 -1.57 16.25
N HIS A 202 -16.32 -0.30 15.89
CA HIS A 202 -17.46 0.60 15.97
C HIS A 202 -18.34 0.55 14.73
N THR A 203 -17.74 0.59 13.54
CA THR A 203 -18.47 0.61 12.28
C THR A 203 -17.65 -0.12 11.23
N ILE A 204 -18.31 -0.92 10.40
CA ILE A 204 -17.71 -1.54 9.22
C ILE A 204 -18.55 -1.16 8.01
N VAL A 205 -17.87 -0.73 6.94
CA VAL A 205 -18.48 -0.55 5.64
C VAL A 205 -17.89 -1.57 4.68
N ILE A 206 -18.72 -2.23 3.88
CA ILE A 206 -18.24 -3.03 2.76
C ILE A 206 -19.12 -2.73 1.57
N SER A 207 -18.48 -2.41 0.44
CA SER A 207 -19.14 -2.31 -0.85
C SER A 207 -18.39 -3.18 -1.83
N VAL A 208 -19.09 -4.04 -2.57
CA VAL A 208 -18.43 -4.90 -3.52
C VAL A 208 -19.30 -5.07 -4.76
N GLN A 209 -18.63 -5.02 -5.91
CA GLN A 209 -19.31 -5.20 -7.18
C GLN A 209 -19.87 -6.62 -7.25
N HIS A 210 -21.00 -6.76 -7.91
CA HIS A 210 -21.73 -8.02 -7.89
C HIS A 210 -22.49 -8.21 -9.20
N ASP A 211 -22.95 -9.45 -9.39
CA ASP A 211 -23.67 -9.79 -10.60
C ASP A 211 -25.11 -9.28 -10.54
N GLU A 212 -25.79 -9.38 -11.69
N GLU A 212 -25.79 -9.39 -11.69
CA GLU A 212 -27.13 -8.83 -11.84
CA GLU A 212 -27.12 -8.83 -11.86
C GLU A 212 -28.19 -9.64 -11.14
C GLU A 212 -28.22 -9.68 -11.24
N GLU A 213 -27.90 -10.87 -10.75
CA GLU A 213 -28.91 -11.78 -10.24
C GLU A 213 -29.03 -11.79 -8.73
N VAL A 214 -27.96 -11.58 -7.98
CA VAL A 214 -28.01 -11.77 -6.55
C VAL A 214 -28.73 -10.61 -5.90
N CYS A 215 -29.52 -10.89 -4.89
CA CYS A 215 -30.26 -9.82 -4.25
C CYS A 215 -29.53 -9.25 -3.04
N LEU A 216 -29.99 -8.10 -2.63
N LEU A 216 -29.98 -8.08 -2.63
CA LEU A 216 -29.33 -7.35 -1.57
CA LEU A 216 -29.34 -7.35 -1.56
C LEU A 216 -29.31 -8.12 -0.27
C LEU A 216 -29.30 -8.16 -0.27
N ASP A 217 -30.39 -8.83 0.07
CA ASP A 217 -30.42 -9.54 1.34
C ASP A 217 -29.43 -10.70 1.33
N GLU A 218 -29.34 -11.43 0.23
CA GLU A 218 -28.35 -12.49 0.15
C GLU A 218 -26.95 -11.92 0.30
N MET A 219 -26.68 -10.79 -0.34
CA MET A 219 -25.35 -10.22 -0.24
C MET A 219 -25.06 -9.75 1.18
N ARG A 220 -26.00 -9.05 1.81
CA ARG A 220 -25.73 -8.51 3.14
C ARG A 220 -25.53 -9.63 4.15
N ASP A 221 -26.33 -10.68 4.05
CA ASP A 221 -26.15 -11.84 4.92
C ASP A 221 -24.78 -12.45 4.72
N ALA A 222 -24.37 -12.65 3.47
CA ALA A 222 -23.07 -13.23 3.20
C ALA A 222 -21.95 -12.33 3.68
N LEU A 223 -22.08 -11.03 3.48
CA LEU A 223 -21.01 -10.13 3.90
C LEU A 223 -20.84 -10.18 5.41
N LYS A 224 -21.93 -10.30 6.16
N LYS A 224 -21.93 -10.31 6.16
CA LYS A 224 -21.79 -10.40 7.60
CA LYS A 224 -21.79 -10.40 7.61
C LYS A 224 -21.23 -11.76 8.01
C LYS A 224 -21.26 -11.76 8.03
N GLU A 225 -21.85 -12.84 7.53
CA GLU A 225 -21.55 -14.17 8.05
C GLU A 225 -20.29 -14.78 7.48
N LYS A 226 -20.03 -14.55 6.20
CA LYS A 226 -18.92 -15.22 5.51
C LYS A 226 -17.72 -14.33 5.32
N VAL A 227 -17.87 -13.02 5.46
CA VAL A 227 -16.76 -12.09 5.28
C VAL A 227 -16.39 -11.50 6.63
N ILE A 228 -17.26 -10.70 7.24
CA ILE A 228 -16.90 -10.06 8.50
C ILE A 228 -16.57 -11.10 9.56
N LYS A 229 -17.44 -12.08 9.77
CA LYS A 229 -17.18 -13.02 10.85
C LYS A 229 -15.95 -13.86 10.58
N ALA A 230 -15.56 -14.03 9.33
CA ALA A 230 -14.37 -14.80 8.99
C ALA A 230 -13.10 -14.00 9.10
N VAL A 231 -13.18 -12.70 9.38
CA VAL A 231 -12.04 -11.82 9.43
C VAL A 231 -11.88 -11.15 10.79
N VAL A 232 -12.95 -10.58 11.32
CA VAL A 232 -12.87 -9.73 12.51
C VAL A 232 -13.15 -10.59 13.74
N PRO A 233 -12.23 -10.67 14.70
CA PRO A 233 -12.51 -11.45 15.92
C PRO A 233 -13.79 -11.00 16.59
N ALA A 234 -14.56 -11.99 17.04
CA ALA A 234 -15.86 -11.72 17.66
C ALA A 234 -15.73 -10.83 18.88
N LYS A 235 -14.59 -10.89 19.56
CA LYS A 235 -14.41 -10.07 20.75
C LYS A 235 -14.49 -8.59 20.46
N TYR A 236 -14.28 -8.16 19.21
CA TYR A 236 -14.37 -6.77 18.86
C TYR A 236 -15.74 -6.35 18.38
N LEU A 237 -16.65 -7.30 18.15
CA LEU A 237 -17.96 -7.00 17.59
C LEU A 237 -19.00 -7.15 18.68
N ASP A 238 -19.95 -6.23 18.75
CA ASP A 238 -20.98 -6.33 19.77
C ASP A 238 -22.29 -5.86 19.16
N GLU A 239 -23.27 -5.78 20.04
N GLU A 239 -23.33 -5.89 19.97
CA GLU A 239 -24.64 -5.53 19.62
CA GLU A 239 -24.66 -5.57 19.43
C GLU A 239 -24.78 -4.14 19.03
C GLU A 239 -24.75 -4.14 18.94
N ASP A 240 -23.85 -3.25 19.35
CA ASP A 240 -23.87 -1.88 18.89
C ASP A 240 -22.99 -1.60 17.68
N THR A 241 -22.18 -2.55 17.24
CA THR A 241 -21.38 -2.33 16.04
C THR A 241 -22.32 -2.01 14.89
N ILE A 242 -21.96 -1.02 14.09
N ILE A 242 -21.94 -1.01 14.10
CA ILE A 242 -22.77 -0.57 12.98
CA ILE A 242 -22.73 -0.56 12.97
C ILE A 242 -22.21 -1.16 11.69
C ILE A 242 -22.19 -1.21 11.71
N TYR A 243 -23.08 -1.76 10.89
CA TYR A 243 -22.71 -2.35 9.62
C TYR A 243 -23.38 -1.64 8.48
N HIS A 244 -22.57 -1.20 7.52
CA HIS A 244 -23.05 -0.62 6.26
C HIS A 244 -22.55 -1.55 5.17
N LEU A 245 -23.42 -2.46 4.76
CA LEU A 245 -23.05 -3.52 3.82
C LEU A 245 -23.85 -3.30 2.55
N GLN A 246 -23.16 -3.16 1.43
CA GLN A 246 -23.76 -2.73 0.18
C GLN A 246 -24.64 -1.49 0.43
N PRO A 247 -24.11 -0.45 1.08
CA PRO A 247 -24.96 0.70 1.41
C PRO A 247 -25.47 1.46 0.21
N SER A 248 -24.84 1.37 -0.96
CA SER A 248 -25.42 2.04 -2.12
C SER A 248 -26.62 1.32 -2.68
N GLY A 249 -26.86 0.08 -2.28
CA GLY A 249 -28.00 -0.68 -2.75
C GLY A 249 -27.77 -1.44 -4.04
N ARG A 250 -26.83 -1.03 -4.88
CA ARG A 250 -26.64 -1.68 -6.17
C ARG A 250 -25.26 -1.30 -6.68
N PHE A 251 -24.48 -2.29 -7.05
CA PHE A 251 -23.08 -2.11 -7.49
C PHE A 251 -22.81 -3.18 -8.53
N VAL A 252 -23.56 -3.14 -9.63
CA VAL A 252 -23.35 -4.07 -10.74
C VAL A 252 -22.30 -3.53 -11.68
N ILE A 253 -22.42 -2.26 -12.06
CA ILE A 253 -21.37 -1.57 -12.79
C ILE A 253 -20.22 -1.31 -11.83
N GLY A 254 -19.01 -1.67 -12.22
CA GLY A 254 -17.88 -1.46 -11.37
C GLY A 254 -16.60 -1.53 -12.16
N GLY A 255 -15.49 -1.62 -11.46
CA GLY A 255 -14.20 -1.49 -12.11
C GLY A 255 -14.08 -0.16 -12.82
N PRO A 256 -13.18 -0.07 -13.79
CA PRO A 256 -12.99 1.19 -14.51
C PRO A 256 -14.24 1.72 -15.18
N GLN A 257 -15.17 0.83 -15.54
CA GLN A 257 -16.42 1.29 -16.11
C GLN A 257 -17.21 2.15 -15.14
N GLY A 258 -17.17 1.81 -13.85
CA GLY A 258 -17.88 2.61 -12.87
C GLY A 258 -17.16 3.86 -12.43
N ASP A 259 -15.83 3.90 -12.56
CA ASP A 259 -15.04 4.93 -11.93
C ASP A 259 -13.64 4.85 -12.49
N ALA A 260 -13.13 5.96 -12.99
CA ALA A 260 -11.79 5.96 -13.55
C ALA A 260 -10.77 5.61 -12.47
N GLY A 261 -9.74 4.91 -12.87
CA GLY A 261 -8.63 4.61 -12.00
C GLY A 261 -7.38 5.32 -12.46
N LEU A 262 -6.53 5.67 -11.49
CA LEU A 262 -5.20 6.20 -11.76
C LEU A 262 -4.21 5.60 -10.77
N THR A 263 -2.97 5.45 -11.21
CA THR A 263 -1.91 5.07 -10.28
C THR A 263 -1.75 6.14 -9.20
N GLY A 264 -1.48 5.72 -7.98
CA GLY A 264 -1.11 6.65 -6.94
C GLY A 264 -2.24 7.44 -6.34
N ARG A 265 -3.44 6.90 -6.41
CA ARG A 265 -4.64 7.51 -5.86
C ARG A 265 -5.15 6.75 -4.64
N LYS A 266 -4.36 5.83 -4.12
CA LYS A 266 -4.67 5.07 -2.92
C LYS A 266 -3.50 5.08 -1.97
N ILE A 267 -2.87 6.25 -1.80
CA ILE A 267 -1.59 6.29 -1.10
C ILE A 267 -1.76 6.05 0.40
N ILE A 268 -2.94 6.36 0.95
CA ILE A 268 -3.20 6.15 2.36
C ILE A 268 -3.57 4.68 2.62
N VAL A 269 -4.32 4.07 1.70
CA VAL A 269 -4.51 2.62 1.71
C VAL A 269 -3.18 1.88 1.62
N ASP A 270 -2.25 2.43 0.84
CA ASP A 270 -0.96 1.77 0.62
C ASP A 270 -0.08 1.79 1.85
N THR A 271 -0.37 2.66 2.82
CA THR A 271 0.53 2.96 3.91
C THR A 271 -0.14 2.61 5.22
N TYR A 272 -0.63 3.59 5.98
CA TYR A 272 -1.00 3.40 7.38
C TYR A 272 -2.47 3.71 7.63
N GLY A 273 -3.28 3.88 6.60
CA GLY A 273 -4.69 4.09 6.85
C GLY A 273 -5.00 5.36 7.57
N GLY A 274 -4.14 6.36 7.43
CA GLY A 274 -4.35 7.66 8.02
C GLY A 274 -3.57 7.88 9.29
N TRP A 275 -3.07 6.82 9.90
CA TRP A 275 -2.20 6.95 11.04
C TRP A 275 -0.82 7.43 10.62
N GLY A 276 -0.03 7.84 11.59
CA GLY A 276 1.31 8.30 11.30
C GLY A 276 1.27 9.61 10.56
N ALA A 277 1.78 9.64 9.33
CA ALA A 277 1.73 10.80 8.46
C ALA A 277 2.11 10.31 7.05
N HIS A 278 1.86 11.15 6.07
CA HIS A 278 2.15 10.83 4.69
C HIS A 278 2.69 12.08 3.99
N GLY A 279 3.75 11.88 3.18
CA GLY A 279 4.36 12.97 2.44
C GLY A 279 3.81 13.23 1.06
N GLY A 280 2.91 12.40 0.57
CA GLY A 280 2.20 12.65 -0.66
C GLY A 280 2.63 11.83 -1.85
N GLY A 281 3.78 11.18 -1.78
CA GLY A 281 4.29 10.47 -2.94
C GLY A 281 3.65 9.11 -3.10
N ALA A 282 3.45 8.71 -4.34
CA ALA A 282 2.92 7.41 -4.67
C ALA A 282 4.07 6.43 -4.88
N PHE A 283 3.78 5.16 -4.66
CA PHE A 283 4.79 4.12 -4.76
C PHE A 283 4.84 3.44 -6.13
N SER A 284 3.69 3.08 -6.69
CA SER A 284 3.71 2.12 -7.79
C SER A 284 4.23 2.72 -9.08
N GLY A 285 4.90 1.87 -9.87
CA GLY A 285 5.43 2.26 -11.14
C GLY A 285 6.79 2.89 -11.10
N LYS A 286 7.47 2.90 -9.95
CA LYS A 286 8.70 3.64 -9.77
C LYS A 286 9.82 2.73 -9.30
N ASP A 287 10.98 2.88 -9.92
CA ASP A 287 12.18 2.20 -9.47
C ASP A 287 12.77 2.86 -8.23
N TYR A 288 13.81 2.21 -7.69
CA TYR A 288 14.32 2.59 -6.37
C TYR A 288 14.90 3.99 -6.32
N THR A 289 15.30 4.57 -7.45
CA THR A 289 15.84 5.90 -7.41
C THR A 289 14.78 6.94 -7.06
N LYS A 290 13.52 6.59 -7.20
CA LYS A 290 12.42 7.46 -6.78
C LYS A 290 12.22 7.25 -5.29
N VAL A 291 12.73 8.21 -4.52
CA VAL A 291 12.66 8.17 -3.07
C VAL A 291 11.24 8.16 -2.53
N ASP A 292 10.25 8.59 -3.31
CA ASP A 292 8.86 8.44 -2.88
C ASP A 292 8.61 7.02 -2.41
N ARG A 293 9.19 6.05 -3.09
N ARG A 293 9.18 6.04 -3.11
CA ARG A 293 9.03 4.66 -2.69
CA ARG A 293 9.05 4.63 -2.76
C ARG A 293 10.18 4.19 -1.81
C ARG A 293 10.18 4.20 -1.82
N SER A 294 11.42 4.28 -2.28
CA SER A 294 12.51 3.67 -1.52
C SER A 294 12.67 4.30 -0.14
N ALA A 295 12.54 5.62 -0.02
CA ALA A 295 12.73 6.23 1.29
C ALA A 295 11.55 5.97 2.21
N ALA A 296 10.34 5.86 1.65
CA ALA A 296 9.21 5.47 2.47
C ALA A 296 9.35 4.05 2.98
N TYR A 297 9.84 3.15 2.12
CA TYR A 297 10.08 1.79 2.55
C TYR A 297 11.15 1.78 3.64
N ALA A 298 12.22 2.53 3.43
CA ALA A 298 13.27 2.57 4.43
C ALA A 298 12.78 3.19 5.73
N ALA A 299 11.93 4.21 5.65
CA ALA A 299 11.43 4.82 6.87
C ALA A 299 10.52 3.87 7.63
N ARG A 300 9.73 3.07 6.92
CA ARG A 300 8.96 2.01 7.56
C ARG A 300 9.90 1.03 8.26
N TRP A 301 10.97 0.65 7.57
CA TRP A 301 11.95 -0.27 8.12
C TRP A 301 12.56 0.28 9.40
N VAL A 302 12.92 1.56 9.40
CA VAL A 302 13.44 2.20 10.60
C VAL A 302 12.42 2.15 11.72
N ALA A 303 11.19 2.57 11.43
CA ALA A 303 10.15 2.62 12.45
C ALA A 303 9.90 1.26 13.04
N LYS A 304 9.76 0.26 12.18
CA LYS A 304 9.50 -1.09 12.65
C LYS A 304 10.69 -1.60 13.45
N SER A 305 11.91 -1.26 13.03
CA SER A 305 13.08 -1.67 13.79
C SER A 305 13.10 -1.06 15.18
N LEU A 306 12.68 0.19 15.31
CA LEU A 306 12.66 0.83 16.61
C LEU A 306 11.64 0.17 17.52
N VAL A 307 10.50 -0.22 16.99
CA VAL A 307 9.48 -0.87 17.83
C VAL A 307 9.92 -2.29 18.17
N LYS A 308 10.31 -3.08 17.16
CA LYS A 308 10.70 -4.45 17.43
C LYS A 308 11.96 -4.53 18.27
N GLY A 309 12.78 -3.50 18.25
CA GLY A 309 13.96 -3.40 19.08
C GLY A 309 13.69 -2.98 20.50
N GLY A 310 12.43 -2.76 20.84
CA GLY A 310 12.07 -2.42 22.19
C GLY A 310 12.36 -0.99 22.58
N LEU A 311 12.65 -0.11 21.63
CA LEU A 311 12.95 1.26 21.98
C LEU A 311 11.72 2.13 22.03
N CYS A 312 10.64 1.68 21.44
N CYS A 312 10.70 1.81 21.23
CA CYS A 312 9.41 2.43 21.53
CA CYS A 312 9.44 2.53 21.16
C CYS A 312 8.28 1.53 21.11
C CYS A 312 8.32 1.50 21.16
N ARG A 313 7.10 1.96 21.49
CA ARG A 313 5.90 1.21 21.17
C ARG A 313 5.19 1.75 19.95
N ARG A 314 5.43 3.02 19.62
CA ARG A 314 4.74 3.70 18.53
C ARG A 314 5.70 4.79 18.09
N VAL A 315 5.91 4.96 16.78
CA VAL A 315 6.92 5.88 16.34
C VAL A 315 6.64 6.34 14.94
N LEU A 316 6.98 7.60 14.68
CA LEU A 316 6.88 8.26 13.39
C LEU A 316 8.27 8.78 13.04
N VAL A 317 8.65 8.63 11.78
CA VAL A 317 9.95 9.04 11.25
C VAL A 317 9.67 9.89 10.04
N GLN A 318 10.24 11.09 9.95
CA GLN A 318 10.20 11.88 8.73
C GLN A 318 11.59 12.00 8.15
N VAL A 319 11.68 11.81 6.84
CA VAL A 319 12.87 12.08 6.07
C VAL A 319 12.47 12.92 4.87
N SER A 320 13.43 13.56 4.24
CA SER A 320 13.17 14.36 3.06
C SER A 320 14.43 14.48 2.23
N TYR A 321 14.25 14.85 0.97
CA TYR A 321 15.33 14.84 -0.01
C TYR A 321 15.23 16.05 -0.92
N ALA A 322 16.34 16.36 -1.57
CA ALA A 322 16.39 17.24 -2.72
C ALA A 322 16.82 16.44 -3.94
N ILE A 323 16.18 16.69 -5.09
CA ILE A 323 16.58 15.97 -6.30
C ILE A 323 18.08 16.17 -6.51
N GLY A 324 18.76 15.07 -6.85
CA GLY A 324 20.17 15.13 -7.14
C GLY A 324 21.08 14.99 -5.95
N VAL A 325 20.55 15.01 -4.73
CA VAL A 325 21.34 14.96 -3.51
C VAL A 325 21.08 13.61 -2.87
N SER A 326 22.13 12.88 -2.53
N SER A 326 22.16 12.90 -2.51
CA SER A 326 21.93 11.50 -2.06
CA SER A 326 22.02 11.52 -2.04
C SER A 326 21.42 11.43 -0.62
C SER A 326 21.43 11.46 -0.63
N HIS A 327 22.04 12.16 0.31
CA HIS A 327 21.66 12.02 1.70
C HIS A 327 20.35 12.74 1.98
N PRO A 328 19.53 12.20 2.87
CA PRO A 328 18.36 12.95 3.30
C PRO A 328 18.77 14.30 3.86
N LEU A 329 17.91 15.27 3.66
CA LEU A 329 18.15 16.62 4.15
C LEU A 329 18.07 16.70 5.66
N SER A 330 17.22 15.87 6.27
CA SER A 330 17.13 15.75 7.71
C SER A 330 16.34 14.49 7.99
N ILE A 331 16.45 14.05 9.24
CA ILE A 331 15.72 12.91 9.78
C ILE A 331 15.19 13.36 11.13
N SER A 332 13.97 12.95 11.45
CA SER A 332 13.38 13.25 12.74
C SER A 332 12.57 12.04 13.20
N ILE A 333 12.58 11.80 14.51
CA ILE A 333 11.90 10.67 15.13
C ILE A 333 10.99 11.20 16.22
N PHE A 334 9.72 10.79 16.20
CA PHE A 334 8.74 11.16 17.21
C PHE A 334 8.19 9.88 17.81
N HIS A 335 8.30 9.71 19.12
CA HIS A 335 7.95 8.43 19.75
C HIS A 335 6.64 8.47 20.53
N TYR A 336 5.89 9.56 20.46
CA TYR A 336 4.56 9.63 21.05
C TYR A 336 4.59 9.45 22.56
N GLY A 337 5.74 9.62 23.20
CA GLY A 337 5.87 9.37 24.62
C GLY A 337 6.10 7.92 24.99
N THR A 338 6.42 7.06 24.02
CA THR A 338 6.53 5.63 24.23
C THR A 338 7.95 5.14 24.32
N SER A 339 8.93 6.02 24.35
CA SER A 339 10.32 5.64 24.57
C SER A 339 10.85 6.29 25.83
N GLN A 340 11.75 5.59 26.51
CA GLN A 340 12.54 6.21 27.56
C GLN A 340 13.70 7.00 26.99
N LYS A 341 14.04 6.80 25.74
N LYS A 341 14.05 6.78 25.73
CA LYS A 341 15.12 7.57 25.14
CA LYS A 341 15.09 7.55 25.06
C LYS A 341 14.57 8.85 24.54
C LYS A 341 14.53 8.89 24.63
N SER A 342 15.40 9.87 24.54
CA SER A 342 14.99 11.14 24.00
C SER A 342 14.95 11.08 22.47
N GLU A 343 14.34 12.11 21.87
CA GLU A 343 14.37 12.24 20.41
C GLU A 343 15.79 12.33 19.89
N ARG A 344 16.68 13.01 20.60
CA ARG A 344 18.06 13.10 20.18
C ARG A 344 18.72 11.73 20.22
N GLU A 345 18.46 10.97 21.29
CA GLU A 345 19.05 9.65 21.40
C GLU A 345 18.54 8.72 20.33
N LEU A 346 17.25 8.77 20.04
CA LEU A 346 16.72 7.92 18.98
C LEU A 346 17.31 8.30 17.64
N LEU A 347 17.49 9.59 17.37
CA LEU A 347 18.09 10.01 16.11
C LEU A 347 19.52 9.51 16.01
N GLU A 348 20.27 9.58 17.10
N GLU A 348 20.27 9.61 17.11
CA GLU A 348 21.64 9.07 17.05
CA GLU A 348 21.63 9.09 17.12
C GLU A 348 21.65 7.58 16.77
C GLU A 348 21.64 7.60 16.78
N ILE A 349 20.73 6.84 17.39
CA ILE A 349 20.64 5.41 17.11
C ILE A 349 20.32 5.17 15.65
N VAL A 350 19.39 5.92 15.10
CA VAL A 350 19.04 5.75 13.69
C VAL A 350 20.22 6.09 12.80
N LYS A 351 20.89 7.21 13.06
CA LYS A 351 22.01 7.58 12.22
C LYS A 351 23.15 6.57 12.28
N LYS A 352 23.35 5.93 13.43
CA LYS A 352 24.41 4.95 13.56
C LYS A 352 24.07 3.64 12.89
N ASN A 353 22.79 3.35 12.67
CA ASN A 353 22.36 2.06 12.19
C ASN A 353 21.83 2.06 10.77
N PHE A 354 21.50 3.21 10.20
CA PHE A 354 20.87 3.28 8.89
C PHE A 354 21.56 4.31 8.04
N ASP A 355 21.56 4.06 6.74
CA ASP A 355 22.07 4.97 5.72
C ASP A 355 20.97 5.11 4.70
N LEU A 356 20.32 6.27 4.68
CA LEU A 356 19.11 6.46 3.91
C LEU A 356 19.37 7.15 2.57
N ARG A 357 20.60 7.05 2.06
CA ARG A 357 20.82 7.36 0.66
C ARG A 357 20.12 6.31 -0.20
N PRO A 358 19.46 6.69 -1.29
CA PRO A 358 18.76 5.69 -2.11
C PRO A 358 19.67 4.61 -2.65
N GLY A 359 20.92 4.95 -2.97
CA GLY A 359 21.85 3.98 -3.48
C GLY A 359 22.42 3.06 -2.43
N VAL A 360 22.06 3.25 -1.17
CA VAL A 360 22.34 2.28 -0.12
C VAL A 360 21.07 1.54 0.28
N ILE A 361 19.95 2.25 0.37
CA ILE A 361 18.67 1.60 0.58
C ILE A 361 18.48 0.47 -0.41
N VAL A 362 18.84 0.69 -1.66
CA VAL A 362 18.61 -0.33 -2.68
C VAL A 362 19.28 -1.64 -2.32
N ARG A 363 20.48 -1.55 -1.76
CA ARG A 363 21.20 -2.73 -1.34
C ARG A 363 20.56 -3.35 -0.11
N ASP A 364 20.28 -2.55 0.90
CA ASP A 364 19.73 -3.09 2.13
C ASP A 364 18.37 -3.75 1.91
N LEU A 365 17.53 -3.17 1.06
CA LEU A 365 16.18 -3.66 0.86
C LEU A 365 16.00 -4.40 -0.45
N ASP A 366 17.07 -4.62 -1.20
CA ASP A 366 17.07 -5.45 -2.40
C ASP A 366 16.08 -4.92 -3.43
N LEU A 367 16.14 -3.61 -3.67
CA LEU A 367 15.06 -2.94 -4.40
C LEU A 367 15.19 -3.02 -5.91
N LYS A 368 16.15 -3.74 -6.45
CA LYS A 368 16.11 -4.08 -7.86
C LYS A 368 15.34 -5.37 -8.11
N LYS A 369 14.91 -6.07 -7.07
CA LYS A 369 14.20 -7.34 -7.28
C LYS A 369 12.79 -7.08 -7.75
N PRO A 370 12.30 -7.87 -8.71
CA PRO A 370 10.96 -7.63 -9.28
C PRO A 370 9.85 -8.24 -8.43
N ILE A 371 9.64 -7.66 -7.25
N ILE A 371 9.66 -7.68 -7.23
CA ILE A 371 8.60 -8.10 -6.32
CA ILE A 371 8.60 -8.10 -6.31
C ILE A 371 7.50 -7.06 -6.19
C ILE A 371 7.55 -7.01 -6.13
N TYR A 372 7.55 -6.01 -7.00
CA TYR A 372 6.69 -4.87 -6.74
C TYR A 372 5.23 -5.13 -7.03
N GLN A 373 4.86 -5.93 -8.01
CA GLN A 373 3.43 -6.15 -8.22
C GLN A 373 2.78 -6.70 -6.96
N ARG A 374 3.52 -7.52 -6.19
CA ARG A 374 3.00 -8.08 -4.96
C ARG A 374 2.70 -7.02 -3.91
N THR A 375 3.35 -5.86 -3.99
CA THR A 375 3.13 -4.80 -3.01
C THR A 375 1.88 -3.98 -3.30
N ALA A 376 1.32 -4.09 -4.50
CA ALA A 376 0.42 -3.07 -5.05
C ALA A 376 -1.04 -3.29 -4.73
N ALA A 377 -1.38 -4.31 -3.94
CA ALA A 377 -2.69 -4.42 -3.33
C ALA A 377 -2.50 -4.88 -1.89
N TYR A 378 -3.42 -4.49 -1.02
CA TYR A 378 -3.47 -4.90 0.38
C TYR A 378 -2.40 -4.22 1.24
N GLY A 379 -1.86 -3.12 0.76
CA GLY A 379 -0.91 -2.33 1.51
C GLY A 379 0.52 -2.78 1.27
N HIS A 380 1.44 -1.83 1.34
CA HIS A 380 2.86 -2.12 1.13
C HIS A 380 3.55 -2.59 2.39
N PHE A 381 2.91 -2.40 3.53
CA PHE A 381 3.51 -2.61 4.84
C PHE A 381 2.71 -3.60 5.64
N GLY A 382 3.39 -4.27 6.55
CA GLY A 382 2.75 -5.17 7.47
C GLY A 382 2.47 -6.56 6.96
N ARG A 383 3.03 -6.96 5.83
N ARG A 383 2.97 -6.93 5.77
CA ARG A 383 2.74 -8.31 5.38
CA ARG A 383 2.71 -8.27 5.30
C ARG A 383 3.89 -8.87 4.57
C ARG A 383 3.92 -8.87 4.57
N ASP A 384 3.96 -10.20 4.59
CA ASP A 384 4.76 -11.05 3.72
C ASP A 384 6.26 -10.95 3.93
N SER A 385 6.70 -10.36 5.01
CA SER A 385 8.12 -10.31 5.35
C SER A 385 8.97 -9.81 4.19
N PHE A 386 8.49 -8.78 3.50
CA PHE A 386 9.32 -8.02 2.57
C PHE A 386 10.52 -7.47 3.33
N PRO A 387 11.59 -7.05 2.66
CA PRO A 387 12.80 -6.67 3.40
C PRO A 387 12.58 -5.56 4.40
N TRP A 388 11.72 -4.59 4.07
CA TRP A 388 11.46 -3.46 4.97
C TRP A 388 10.61 -3.85 6.17
N GLU A 389 10.11 -5.09 6.19
CA GLU A 389 9.36 -5.62 7.31
C GLU A 389 10.20 -6.50 8.22
N VAL A 390 11.45 -6.77 7.86
CA VAL A 390 12.36 -7.56 8.68
C VAL A 390 13.18 -6.59 9.50
N PRO A 391 12.96 -6.48 10.80
CA PRO A 391 13.65 -5.42 11.55
C PRO A 391 15.16 -5.58 11.52
N LYS A 392 15.86 -4.45 11.53
CA LYS A 392 17.30 -4.47 11.68
C LYS A 392 17.65 -4.53 13.16
N LYS A 393 18.59 -5.40 13.51
N LYS A 393 18.61 -5.38 13.50
CA LYS A 393 19.12 -5.46 14.87
CA LYS A 393 19.13 -5.43 14.86
C LYS A 393 19.95 -4.21 15.11
C LYS A 393 19.96 -4.18 15.11
N LEU A 394 19.57 -3.41 16.11
CA LEU A 394 20.19 -2.11 16.32
C LEU A 394 21.34 -2.19 17.31
N LYS A 395 22.43 -1.51 16.96
CA LYS A 395 23.63 -1.43 17.78
C LYS A 395 23.72 -0.05 18.39
N TYR A 396 23.85 0.01 19.70
CA TYR A 396 23.99 1.28 20.41
C TYR A 396 24.38 1.03 21.86
#